data_3UL1
#
_entry.id   3UL1
#
_cell.length_a   79.156
_cell.length_b   90.094
_cell.length_c   99.332
_cell.angle_alpha   90.00
_cell.angle_beta   90.00
_cell.angle_gamma   90.00
#
_symmetry.space_group_name_H-M   'P 21 21 21'
#
loop_
_entity.id
_entity.type
_entity.pdbx_description
1 polymer 'Importin subunit alpha-2'
2 polymer Nucleoplasmin
3 water water
#
loop_
_entity_poly.entity_id
_entity_poly.type
_entity_poly.pdbx_seq_one_letter_code
_entity_poly.pdbx_strand_id
1 'polypeptide(L)'
;MHHHHHHSSGLVPRGSGMLETAAALFERNHMDSPDLGTDDDDLAMADIGSNQGTVNWSVEDIVKGINSNNLESQLQATQA
ARKLLSREKQPPIDNIIRAGLIPKFVSFLGKTDCSPIQFESAWALTNIASGTSEQTKAVVDGGAIPAFISLLASPHAHIS
EQAVWALGNIAGDGSAFRDLVIKHGAIDPLLALLAVPDLSTLACGYLRNLTWTLSNLCRNKNPAPPLDAVEQILPTLVRL
LHHNDPEVLADSCWAISYLTDGPNERIEMVVKKGVVPQLVKLLGATELPIVTPALRAIGNIVTGTDEQTQKVIDAGALAV
FPSLLTNPKTNIQKEATWTMSNITAGRQDQIQQVVNHGLVPFLVGVLSKADFKTQKEAAWAITNYTSGGTVEQIVYLVHC
GIIEPLMNLLSAKDTKIIQVILDAISNIFQAAEKLGETEKLSIMIEECGGLDKIEALQRHENESVYKASLNLIEKYFSVE
EEEDQNVVPETTSEGFAFQVQDGAPGTFNF
;
B
2 'polypeptide(L)' GSAVKRPAATKKAGQAKKKKLD A
#
# COMPACT_ATOMS: atom_id res chain seq x y z
N GLY A 53 -36.33 23.63 -3.57
CA GLY A 53 -37.03 22.36 -3.67
C GLY A 53 -36.65 21.40 -2.56
N THR A 54 -35.55 20.69 -2.74
CA THR A 54 -35.09 19.71 -1.77
C THR A 54 -33.79 20.14 -1.08
N VAL A 55 -33.55 21.44 -1.06
CA VAL A 55 -32.31 21.98 -0.50
C VAL A 55 -32.50 22.49 0.94
N ASN A 56 -31.66 21.99 1.84
CA ASN A 56 -31.68 22.38 3.25
C ASN A 56 -32.96 21.98 4.00
N TRP A 57 -33.43 20.76 3.79
CA TRP A 57 -34.53 20.23 4.61
C TRP A 57 -34.01 19.88 6.00
N SER A 58 -34.89 20.01 6.99
CA SER A 58 -34.59 19.50 8.33
C SER A 58 -34.80 18.00 8.31
N VAL A 59 -34.19 17.30 9.27
CA VAL A 59 -34.37 15.86 9.36
C VAL A 59 -35.84 15.51 9.63
N GLU A 60 -36.52 16.34 10.41
CA GLU A 60 -37.93 16.06 10.71
C GLU A 60 -38.79 16.13 9.45
N ASP A 61 -38.49 17.06 8.57
CA ASP A 61 -39.25 17.17 7.33
C ASP A 61 -38.97 15.97 6.42
N ILE A 62 -37.72 15.52 6.42
CA ILE A 62 -37.35 14.34 5.65
C ILE A 62 -38.12 13.13 6.15
N VAL A 63 -38.14 12.96 7.47
CA VAL A 63 -38.89 11.87 8.09
C VAL A 63 -40.37 11.95 7.71
N LYS A 64 -40.92 13.16 7.74
CA LYS A 64 -42.33 13.35 7.40
C LYS A 64 -42.62 12.89 5.97
N GLY A 65 -41.75 13.25 5.03
CA GLY A 65 -41.96 12.89 3.65
C GLY A 65 -41.81 11.39 3.42
N ILE A 66 -40.82 10.80 4.10
CA ILE A 66 -40.55 9.37 3.94
C ILE A 66 -41.64 8.50 4.56
N ASN A 67 -42.24 8.98 5.65
CA ASN A 67 -43.32 8.26 6.33
C ASN A 67 -44.70 8.52 5.70
N SER A 68 -44.74 9.36 4.66
CA SER A 68 -45.99 9.60 3.95
C SER A 68 -46.29 8.35 3.13
N ASN A 69 -47.54 8.13 2.78
CA ASN A 69 -47.85 6.96 1.97
C ASN A 69 -47.74 7.24 0.47
N ASN A 70 -46.90 8.21 0.12
CA ASN A 70 -46.89 8.80 -1.23
C ASN A 70 -45.50 8.64 -1.83
N LEU A 71 -45.38 7.80 -2.86
CA LEU A 71 -44.08 7.48 -3.44
C LEU A 71 -43.33 8.71 -3.93
N GLU A 72 -44.06 9.67 -4.50
CA GLU A 72 -43.41 10.87 -5.00
C GLU A 72 -42.95 11.75 -3.84
N SER A 73 -43.75 11.85 -2.79
CA SER A 73 -43.33 12.54 -1.57
C SER A 73 -42.10 11.86 -0.96
N GLN A 74 -42.06 10.54 -1.02
CA GLN A 74 -40.92 9.80 -0.49
C GLN A 74 -39.66 10.05 -1.33
N LEU A 75 -39.83 10.13 -2.65
CA LEU A 75 -38.72 10.43 -3.55
C LEU A 75 -38.12 11.81 -3.26
N GLN A 76 -38.98 12.82 -3.11
CA GLN A 76 -38.51 14.17 -2.83
C GLN A 76 -37.76 14.22 -1.51
N ALA A 77 -38.31 13.57 -0.49
CA ALA A 77 -37.68 13.55 0.82
C ALA A 77 -36.34 12.80 0.79
N THR A 78 -36.27 11.72 0.02
CA THR A 78 -35.04 10.94 -0.08
C THR A 78 -33.97 11.78 -0.78
N GLN A 79 -34.37 12.50 -1.82
CA GLN A 79 -33.43 13.40 -2.47
C GLN A 79 -32.95 14.48 -1.51
N ALA A 80 -33.87 15.04 -0.72
CA ALA A 80 -33.50 16.02 0.31
C ALA A 80 -32.46 15.44 1.26
N ALA A 81 -32.65 14.18 1.65
CA ALA A 81 -31.70 13.49 2.51
C ALA A 81 -30.35 13.33 1.82
N ARG A 82 -30.39 12.96 0.54
CA ARG A 82 -29.16 12.81 -0.24
C ARG A 82 -28.37 14.11 -0.25
N LYS A 83 -29.06 15.23 -0.41
CA LYS A 83 -28.38 16.52 -0.44
C LYS A 83 -27.78 16.90 0.91
N LEU A 84 -28.52 16.68 2.00
CA LEU A 84 -27.96 16.88 3.33
C LEU A 84 -26.70 16.07 3.49
N LEU A 85 -26.76 14.80 3.06
CA LEU A 85 -25.68 13.85 3.28
C LEU A 85 -24.47 14.08 2.40
N SER A 86 -24.63 14.85 1.32
CA SER A 86 -23.50 15.08 0.44
C SER A 86 -22.85 16.47 0.64
N ARG A 87 -23.31 17.19 1.66
CA ARG A 87 -22.70 18.48 1.99
C ARG A 87 -21.40 18.23 2.75
N GLU A 88 -20.37 18.99 2.41
CA GLU A 88 -19.02 18.71 2.88
C GLU A 88 -18.82 18.95 4.37
N LYS A 89 -19.50 19.96 4.91
CA LYS A 89 -19.36 20.27 6.32
C LYS A 89 -20.38 19.55 7.21
N GLN A 90 -19.87 18.62 8.02
CA GLN A 90 -20.65 17.86 9.00
C GLN A 90 -22.06 17.50 8.56
N PRO A 91 -22.18 16.63 7.55
CA PRO A 91 -23.51 16.10 7.22
C PRO A 91 -24.07 15.40 8.45
N PRO A 92 -25.37 15.57 8.74
CA PRO A 92 -25.98 15.02 9.96
C PRO A 92 -26.24 13.52 9.83
N ILE A 93 -25.17 12.75 9.67
CA ILE A 93 -25.30 11.29 9.51
C ILE A 93 -25.97 10.64 10.72
N ASP A 94 -25.50 10.97 11.91
CA ASP A 94 -26.04 10.35 13.12
C ASP A 94 -27.52 10.67 13.33
N ASN A 95 -27.90 11.92 13.09
CA ASN A 95 -29.31 12.30 13.18
C ASN A 95 -30.18 11.53 12.20
N ILE A 96 -29.67 11.31 10.98
CA ILE A 96 -30.38 10.50 9.99
C ILE A 96 -30.53 9.05 10.46
N ILE A 97 -29.46 8.49 10.99
CA ILE A 97 -29.51 7.12 11.51
C ILE A 97 -30.50 7.05 12.67
N ARG A 98 -30.40 7.99 13.61
CA ARG A 98 -31.27 7.99 14.78
C ARG A 98 -32.76 8.08 14.42
N ALA A 99 -33.07 8.79 13.33
CA ALA A 99 -34.45 8.96 12.91
C ALA A 99 -35.00 7.67 12.31
N GLY A 100 -34.15 6.66 12.19
CA GLY A 100 -34.58 5.36 11.69
C GLY A 100 -34.76 5.27 10.19
N LEU A 101 -34.03 6.09 9.43
CA LEU A 101 -34.24 6.18 7.99
C LEU A 101 -33.53 5.08 7.18
N ILE A 102 -32.55 4.42 7.76
CA ILE A 102 -31.80 3.44 6.97
C ILE A 102 -32.68 2.31 6.40
N PRO A 103 -33.51 1.69 7.25
CA PRO A 103 -34.39 0.64 6.72
C PRO A 103 -35.29 1.15 5.59
N LYS A 104 -35.74 2.39 5.66
CA LYS A 104 -36.56 2.97 4.61
C LYS A 104 -35.77 3.11 3.31
N PHE A 105 -34.57 3.67 3.42
CA PHE A 105 -33.68 3.80 2.28
C PHE A 105 -33.42 2.43 1.65
N VAL A 106 -33.16 1.44 2.50
CA VAL A 106 -32.90 0.09 2.00
C VAL A 106 -34.09 -0.48 1.24
N SER A 107 -35.30 -0.27 1.76
CA SER A 107 -36.48 -0.75 1.06
CA SER A 107 -36.49 -0.73 1.07
C SER A 107 -36.61 -0.05 -0.30
N PHE A 108 -36.22 1.22 -0.35
CA PHE A 108 -36.29 1.97 -1.62
C PHE A 108 -35.34 1.42 -2.69
N LEU A 109 -34.26 0.78 -2.26
CA LEU A 109 -33.33 0.17 -3.21
C LEU A 109 -34.03 -0.87 -4.08
N GLY A 110 -35.11 -1.44 -3.56
CA GLY A 110 -35.82 -2.50 -4.27
C GLY A 110 -36.94 -2.03 -5.17
N LYS A 111 -37.15 -0.72 -5.26
CA LYS A 111 -38.26 -0.19 -6.06
C LYS A 111 -37.93 -0.08 -7.55
N THR A 112 -37.95 -1.22 -8.22
CA THR A 112 -37.59 -1.33 -9.63
C THR A 112 -38.42 -0.39 -10.51
N ASP A 113 -39.66 -0.12 -10.11
CA ASP A 113 -40.55 0.74 -10.89
C ASP A 113 -40.24 2.22 -10.71
N CYS A 114 -39.42 2.55 -9.72
CA CYS A 114 -39.05 3.94 -9.48
C CYS A 114 -37.53 4.10 -9.38
N SER A 115 -36.86 4.04 -10.52
CA SER A 115 -35.41 4.12 -10.55
C SER A 115 -34.85 5.40 -9.88
N PRO A 116 -35.55 6.54 -10.00
CA PRO A 116 -35.02 7.72 -9.30
C PRO A 116 -34.87 7.53 -7.78
N ILE A 117 -35.82 6.86 -7.14
CA ILE A 117 -35.70 6.67 -5.70
C ILE A 117 -34.66 5.60 -5.37
N GLN A 118 -34.45 4.66 -6.30
CA GLN A 118 -33.35 3.71 -6.14
C GLN A 118 -32.03 4.47 -6.09
N PHE A 119 -31.84 5.39 -7.03
CA PHE A 119 -30.59 6.14 -7.14
C PHE A 119 -30.37 7.04 -5.93
N GLU A 120 -31.40 7.83 -5.58
CA GLU A 120 -31.30 8.73 -4.44
C GLU A 120 -31.01 7.97 -3.14
N SER A 121 -31.71 6.86 -2.90
CA SER A 121 -31.47 6.07 -1.71
CA SER A 121 -31.47 6.05 -1.71
C SER A 121 -30.07 5.45 -1.75
N ALA A 122 -29.65 5.02 -2.93
CA ALA A 122 -28.31 4.42 -3.07
C ALA A 122 -27.23 5.44 -2.73
N TRP A 123 -27.44 6.66 -3.20
CA TRP A 123 -26.51 7.76 -2.93
C TRP A 123 -26.51 8.11 -1.44
N ALA A 124 -27.70 8.25 -0.86
CA ALA A 124 -27.81 8.54 0.56
C ALA A 124 -27.07 7.47 1.39
N LEU A 125 -27.33 6.20 1.09
CA LEU A 125 -26.69 5.14 1.87
C LEU A 125 -25.19 5.10 1.63
N THR A 126 -24.76 5.39 0.40
CA THR A 126 -23.33 5.42 0.10
C THR A 126 -22.65 6.39 1.05
N ASN A 127 -23.27 7.54 1.28
CA ASN A 127 -22.64 8.58 2.09
C ASN A 127 -22.70 8.32 3.59
N ILE A 128 -23.72 7.61 4.04
CA ILE A 128 -23.70 7.12 5.42
C ILE A 128 -22.59 6.06 5.58
N ALA A 129 -22.50 5.14 4.62
CA ALA A 129 -21.49 4.08 4.70
C ALA A 129 -20.07 4.62 4.56
N SER A 130 -19.94 5.86 4.09
CA SER A 130 -18.62 6.48 3.92
C SER A 130 -18.06 6.99 5.24
N GLY A 131 -18.86 6.90 6.30
CA GLY A 131 -18.48 7.45 7.58
C GLY A 131 -17.67 6.52 8.48
N THR A 132 -17.90 6.62 9.78
CA THR A 132 -17.20 5.79 10.75
C THR A 132 -17.63 4.33 10.65
N SER A 133 -16.89 3.43 11.28
CA SER A 133 -17.29 2.02 11.30
C SER A 133 -18.71 1.84 11.85
N GLU A 134 -19.06 2.59 12.88
CA GLU A 134 -20.41 2.47 13.44
C GLU A 134 -21.45 2.88 12.41
N GLN A 135 -21.13 3.89 11.60
CA GLN A 135 -22.06 4.37 10.60
C GLN A 135 -22.18 3.37 9.45
N THR A 136 -21.06 2.81 9.04
CA THR A 136 -21.08 1.75 8.04
C THR A 136 -21.87 0.53 8.54
N LYS A 137 -21.66 0.19 9.80
CA LYS A 137 -22.38 -0.94 10.40
C LYS A 137 -23.90 -0.70 10.37
N ALA A 138 -24.34 0.53 10.58
CA ALA A 138 -25.77 0.81 10.55
C ALA A 138 -26.34 0.46 9.17
N VAL A 139 -25.57 0.78 8.13
CA VAL A 139 -25.99 0.49 6.77
C VAL A 139 -26.05 -1.03 6.52
N VAL A 140 -25.00 -1.73 6.91
CA VAL A 140 -24.99 -3.18 6.80
C VAL A 140 -26.13 -3.81 7.62
N ASP A 141 -26.34 -3.30 8.84
CA ASP A 141 -27.37 -3.84 9.74
C ASP A 141 -28.78 -3.66 9.17
N GLY A 142 -28.94 -2.68 8.28
CA GLY A 142 -30.23 -2.43 7.65
C GLY A 142 -30.53 -3.34 6.47
N GLY A 143 -29.60 -4.26 6.17
CA GLY A 143 -29.79 -5.20 5.07
C GLY A 143 -29.33 -4.69 3.72
N ALA A 144 -28.46 -3.68 3.73
CA ALA A 144 -28.04 -3.05 2.47
C ALA A 144 -27.20 -3.95 1.55
N ILE A 145 -26.41 -4.87 2.11
CA ILE A 145 -25.51 -5.63 1.25
C ILE A 145 -26.24 -6.38 0.11
N PRO A 146 -27.18 -7.28 0.45
CA PRO A 146 -27.84 -7.99 -0.67
C PRO A 146 -28.61 -7.04 -1.60
N ALA A 147 -29.15 -5.96 -1.03
CA ALA A 147 -29.92 -5.02 -1.83
C ALA A 147 -29.04 -4.35 -2.88
N PHE A 148 -27.83 -3.95 -2.49
CA PHE A 148 -26.91 -3.31 -3.43
C PHE A 148 -26.39 -4.29 -4.48
N ILE A 149 -26.14 -5.52 -4.06
CA ILE A 149 -25.68 -6.54 -5.01
C ILE A 149 -26.73 -6.78 -6.09
N SER A 150 -28.00 -6.77 -5.70
CA SER A 150 -29.08 -6.92 -6.67
C SER A 150 -29.06 -5.77 -7.66
N LEU A 151 -28.60 -4.61 -7.22
CA LEU A 151 -28.62 -3.41 -8.06
C LEU A 151 -27.45 -3.36 -9.05
N LEU A 152 -26.44 -4.21 -8.85
CA LEU A 152 -25.31 -4.23 -9.77
C LEU A 152 -25.77 -4.52 -11.19
N ALA A 153 -26.86 -5.28 -11.32
CA ALA A 153 -27.37 -5.69 -12.62
C ALA A 153 -28.42 -4.72 -13.18
N SER A 154 -28.56 -3.57 -12.55
CA SER A 154 -29.52 -2.57 -13.00
C SER A 154 -29.23 -2.20 -14.46
N PRO A 155 -30.29 -2.04 -15.26
CA PRO A 155 -30.15 -1.53 -16.63
C PRO A 155 -29.76 -0.05 -16.63
N HIS A 156 -29.83 0.59 -15.48
CA HIS A 156 -29.43 1.98 -15.34
C HIS A 156 -27.98 2.07 -14.88
N ALA A 157 -27.10 2.53 -15.77
CA ALA A 157 -25.68 2.58 -15.47
C ALA A 157 -25.36 3.41 -14.22
N HIS A 158 -26.08 4.52 -14.02
CA HIS A 158 -25.77 5.37 -12.88
C HIS A 158 -26.15 4.74 -11.55
N ILE A 159 -27.14 3.84 -11.58
CA ILE A 159 -27.57 3.13 -10.38
C ILE A 159 -26.64 1.96 -10.08
N SER A 160 -26.28 1.18 -11.11
CA SER A 160 -25.32 0.11 -10.92
CA SER A 160 -25.31 0.11 -10.94
C SER A 160 -24.02 0.68 -10.36
N GLU A 161 -23.59 1.81 -10.91
CA GLU A 161 -22.37 2.47 -10.43
C GLU A 161 -22.49 2.87 -8.96
N GLN A 162 -23.64 3.39 -8.57
CA GLN A 162 -23.82 3.80 -7.17
C GLN A 162 -23.74 2.59 -6.24
N ALA A 163 -24.25 1.46 -6.69
CA ALA A 163 -24.22 0.23 -5.90
C ALA A 163 -22.78 -0.27 -5.78
N VAL A 164 -22.02 -0.16 -6.87
CA VAL A 164 -20.60 -0.49 -6.84
C VAL A 164 -19.91 0.37 -5.77
N TRP A 165 -20.21 1.67 -5.80
CA TRP A 165 -19.61 2.61 -4.88
C TRP A 165 -19.95 2.26 -3.43
N ALA A 166 -21.23 2.04 -3.16
CA ALA A 166 -21.68 1.71 -1.81
C ALA A 166 -20.98 0.46 -1.26
N LEU A 167 -20.87 -0.57 -2.11
CA LEU A 167 -20.23 -1.82 -1.71
C LEU A 167 -18.75 -1.59 -1.42
N GLY A 168 -18.13 -0.69 -2.18
CA GLY A 168 -16.75 -0.27 -1.93
C GLY A 168 -16.55 0.30 -0.54
N ASN A 169 -17.44 1.20 -0.13
CA ASN A 169 -17.40 1.77 1.23
C ASN A 169 -17.59 0.71 2.32
N ILE A 170 -18.55 -0.20 2.10
CA ILE A 170 -18.77 -1.27 3.06
C ILE A 170 -17.54 -2.18 3.20
N ALA A 171 -17.06 -2.66 2.06
CA ALA A 171 -15.87 -3.52 2.07
C ALA A 171 -14.68 -2.78 2.65
N GLY A 172 -14.62 -1.47 2.42
CA GLY A 172 -13.47 -0.66 2.86
C GLY A 172 -13.39 -0.50 4.36
N ASP A 173 -14.45 -0.85 5.07
CA ASP A 173 -14.48 -0.70 6.52
C ASP A 173 -13.48 -1.65 7.21
N GLY A 174 -13.28 -2.82 6.64
CA GLY A 174 -12.40 -3.81 7.27
C GLY A 174 -12.61 -5.21 6.75
N SER A 175 -11.81 -6.15 7.25
CA SER A 175 -11.82 -7.53 6.78
CA SER A 175 -11.83 -7.52 6.75
C SER A 175 -13.18 -8.22 6.92
N ALA A 176 -13.86 -7.99 8.03
CA ALA A 176 -15.12 -8.68 8.28
C ALA A 176 -16.20 -8.26 7.26
N PHE A 177 -16.39 -6.96 7.10
CA PHE A 177 -17.38 -6.50 6.12
C PHE A 177 -16.94 -6.84 4.68
N ARG A 178 -15.64 -6.75 4.41
CA ARG A 178 -15.13 -7.18 3.11
C ARG A 178 -15.57 -8.63 2.85
N ASP A 179 -15.28 -9.50 3.81
CA ASP A 179 -15.60 -10.91 3.67
C ASP A 179 -17.10 -11.17 3.60
N LEU A 180 -17.88 -10.34 4.29
CA LEU A 180 -19.34 -10.48 4.26
C LEU A 180 -19.89 -10.08 2.89
N VAL A 181 -19.34 -9.02 2.32
CA VAL A 181 -19.71 -8.63 0.96
C VAL A 181 -19.41 -9.76 -0.04
N ILE A 182 -18.24 -10.36 0.11
CA ILE A 182 -17.89 -11.51 -0.74
C ILE A 182 -18.87 -12.68 -0.53
N LYS A 183 -19.21 -12.98 0.72
CA LYS A 183 -20.13 -14.08 1.00
C LYS A 183 -21.52 -13.87 0.40
N HIS A 184 -21.97 -12.62 0.34
CA HIS A 184 -23.27 -12.33 -0.28
C HIS A 184 -23.20 -12.44 -1.82
N GLY A 185 -22.02 -12.73 -2.35
CA GLY A 185 -21.87 -13.02 -3.77
C GLY A 185 -21.60 -11.83 -4.66
N ALA A 186 -20.87 -10.84 -4.15
CA ALA A 186 -20.62 -9.62 -4.90
C ALA A 186 -19.67 -9.80 -6.09
N ILE A 187 -18.70 -10.71 -5.96
CA ILE A 187 -17.63 -10.75 -6.95
C ILE A 187 -18.12 -11.05 -8.38
N ASP A 188 -18.95 -12.08 -8.52
CA ASP A 188 -19.44 -12.47 -9.84
C ASP A 188 -20.05 -11.30 -10.62
N PRO A 189 -21.07 -10.62 -10.06
CA PRO A 189 -21.69 -9.50 -10.78
C PRO A 189 -20.77 -8.31 -10.98
N LEU A 190 -19.84 -8.08 -10.04
CA LEU A 190 -18.89 -7.00 -10.21
C LEU A 190 -17.98 -7.28 -11.40
N LEU A 191 -17.44 -8.50 -11.45
CA LEU A 191 -16.56 -8.88 -12.56
C LEU A 191 -17.30 -8.85 -13.89
N ALA A 192 -18.57 -9.22 -13.87
CA ALA A 192 -19.37 -9.24 -15.07
C ALA A 192 -19.47 -7.85 -15.72
N LEU A 193 -19.52 -6.81 -14.90
CA LEU A 193 -19.59 -5.44 -15.41
C LEU A 193 -18.33 -5.07 -16.22
N LEU A 194 -17.23 -5.76 -15.95
CA LEU A 194 -15.97 -5.50 -16.63
C LEU A 194 -15.67 -6.53 -17.73
N ALA A 195 -16.64 -7.38 -18.03
CA ALA A 195 -16.45 -8.40 -19.06
C ALA A 195 -16.76 -7.83 -20.43
N VAL A 196 -15.89 -6.96 -20.90
CA VAL A 196 -16.04 -6.35 -22.22
C VAL A 196 -14.74 -6.52 -22.99
N PRO A 197 -14.82 -6.52 -24.33
CA PRO A 197 -13.61 -6.71 -25.15
C PRO A 197 -12.57 -5.62 -24.91
N ASP A 198 -12.99 -4.40 -24.66
CA ASP A 198 -12.04 -3.29 -24.52
C ASP A 198 -12.53 -2.33 -23.44
N LEU A 199 -11.78 -2.23 -22.35
CA LEU A 199 -12.17 -1.39 -21.20
C LEU A 199 -12.42 0.06 -21.59
N SER A 200 -11.82 0.50 -22.70
CA SER A 200 -11.90 1.89 -23.10
CA SER A 200 -11.90 1.90 -23.11
C SER A 200 -13.31 2.30 -23.52
N THR A 201 -14.20 1.34 -23.69
CA THR A 201 -15.58 1.65 -24.08
C THR A 201 -16.44 2.00 -22.88
N LEU A 202 -15.94 1.71 -21.68
CA LEU A 202 -16.67 2.02 -20.46
C LEU A 202 -16.48 3.49 -20.08
N ALA A 203 -17.50 4.07 -19.46
CA ALA A 203 -17.39 5.43 -18.94
C ALA A 203 -16.25 5.47 -17.94
N CYS A 204 -15.47 6.55 -17.98
CA CYS A 204 -14.28 6.65 -17.14
C CYS A 204 -14.61 6.56 -15.64
N GLY A 205 -15.58 7.34 -15.18
CA GLY A 205 -15.93 7.33 -13.77
C GLY A 205 -16.41 5.96 -13.32
N TYR A 206 -17.13 5.30 -14.22
CA TYR A 206 -17.67 3.97 -13.97
C TYR A 206 -16.54 2.96 -13.77
N LEU A 207 -15.58 2.97 -14.68
CA LEU A 207 -14.41 2.08 -14.58
C LEU A 207 -13.58 2.32 -13.31
N ARG A 208 -13.37 3.59 -12.99
CA ARG A 208 -12.61 3.98 -11.80
C ARG A 208 -13.26 3.46 -10.53
N ASN A 209 -14.58 3.61 -10.44
CA ASN A 209 -15.30 3.11 -9.27
C ASN A 209 -15.23 1.60 -9.11
N LEU A 210 -15.35 0.88 -10.23
CA LEU A 210 -15.24 -0.56 -10.21
C LEU A 210 -13.83 -1.00 -9.77
N THR A 211 -12.82 -0.32 -10.31
CA THR A 211 -11.44 -0.64 -9.94
C THR A 211 -11.21 -0.42 -8.43
N TRP A 212 -11.67 0.73 -7.95
CA TRP A 212 -11.52 1.08 -6.54
C TRP A 212 -12.23 0.07 -5.63
N THR A 213 -13.46 -0.28 -5.98
CA THR A 213 -14.20 -1.25 -5.18
C THR A 213 -13.51 -2.62 -5.19
N LEU A 214 -13.06 -3.07 -6.36
CA LEU A 214 -12.28 -4.30 -6.41
C LEU A 214 -11.03 -4.21 -5.53
N SER A 215 -10.39 -3.04 -5.49
CA SER A 215 -9.19 -2.89 -4.64
C SER A 215 -9.54 -3.07 -3.16
N ASN A 216 -10.72 -2.62 -2.75
CA ASN A 216 -11.15 -2.83 -1.37
C ASN A 216 -11.46 -4.31 -1.04
N LEU A 217 -11.85 -5.09 -2.04
CA LEU A 217 -12.04 -6.52 -1.82
C LEU A 217 -10.69 -7.23 -1.68
N CYS A 218 -9.62 -6.59 -2.15
CA CYS A 218 -8.27 -7.13 -2.02
C CYS A 218 -7.56 -6.64 -0.75
N ARG A 219 -8.12 -5.61 -0.12
CA ARG A 219 -7.47 -4.92 0.99
C ARG A 219 -7.63 -5.63 2.34
N ASN A 220 -6.66 -5.41 3.23
CA ASN A 220 -6.70 -5.81 4.64
C ASN A 220 -6.22 -7.24 4.90
N LYS A 221 -5.70 -7.46 6.10
CA LYS A 221 -5.24 -8.78 6.51
C LYS A 221 -5.81 -9.12 7.88
N ASN A 222 -5.37 -10.23 8.45
CA ASN A 222 -5.96 -10.70 9.69
C ASN A 222 -7.50 -10.72 9.66
N PRO A 223 -8.08 -11.49 8.73
CA PRO A 223 -7.31 -12.28 7.76
C PRO A 223 -7.22 -11.59 6.40
N ALA A 224 -6.35 -12.10 5.55
CA ALA A 224 -6.31 -11.68 4.16
C ALA A 224 -7.58 -12.20 3.49
N PRO A 225 -7.93 -11.68 2.31
CA PRO A 225 -9.16 -12.13 1.64
C PRO A 225 -9.07 -13.62 1.31
N PRO A 226 -10.23 -14.26 1.09
CA PRO A 226 -10.28 -15.69 0.77
C PRO A 226 -9.45 -16.00 -0.48
N LEU A 227 -8.66 -17.08 -0.42
CA LEU A 227 -7.78 -17.41 -1.54
C LEU A 227 -8.57 -17.50 -2.85
N ASP A 228 -9.73 -18.14 -2.80
CA ASP A 228 -10.58 -18.33 -3.97
C ASP A 228 -11.10 -17.03 -4.55
N ALA A 229 -11.43 -16.07 -3.68
CA ALA A 229 -11.85 -14.74 -4.12
C ALA A 229 -10.70 -14.03 -4.82
N VAL A 230 -9.50 -14.14 -4.26
CA VAL A 230 -8.34 -13.53 -4.87
C VAL A 230 -8.07 -14.14 -6.25
N GLU A 231 -8.18 -15.46 -6.34
CA GLU A 231 -7.94 -16.12 -7.63
C GLU A 231 -8.97 -15.67 -8.67
N GLN A 232 -10.20 -15.48 -8.20
CA GLN A 232 -11.29 -15.06 -9.05
C GLN A 232 -11.08 -13.64 -9.59
N ILE A 233 -10.61 -12.74 -8.74
CA ILE A 233 -10.40 -11.33 -9.09
C ILE A 233 -9.15 -11.05 -9.94
N LEU A 234 -8.09 -11.82 -9.72
CA LEU A 234 -6.79 -11.49 -10.31
C LEU A 234 -6.74 -11.26 -11.82
N PRO A 235 -7.39 -12.12 -12.62
CA PRO A 235 -7.29 -11.92 -14.07
C PRO A 235 -7.88 -10.59 -14.51
N THR A 236 -8.94 -10.13 -13.84
CA THR A 236 -9.51 -8.82 -14.14
C THR A 236 -8.57 -7.72 -13.68
N LEU A 237 -7.97 -7.90 -12.52
CA LEU A 237 -7.01 -6.94 -12.00
CA LEU A 237 -6.99 -6.96 -11.98
C LEU A 237 -5.81 -6.81 -12.95
N VAL A 238 -5.35 -7.92 -13.50
CA VAL A 238 -4.23 -7.87 -14.44
C VAL A 238 -4.59 -7.01 -15.65
N ARG A 239 -5.83 -7.14 -16.10
CA ARG A 239 -6.31 -6.36 -17.24
CA ARG A 239 -6.35 -6.36 -17.23
C ARG A 239 -6.37 -4.88 -16.91
N LEU A 240 -6.89 -4.55 -15.74
CA LEU A 240 -6.98 -3.16 -15.29
C LEU A 240 -5.60 -2.53 -15.16
N LEU A 241 -4.62 -3.35 -14.77
CA LEU A 241 -3.25 -2.90 -14.61
C LEU A 241 -2.61 -2.51 -15.94
N HIS A 242 -3.23 -2.92 -17.04
CA HIS A 242 -2.73 -2.56 -18.37
C HIS A 242 -3.55 -1.45 -19.03
N HIS A 243 -4.50 -0.90 -18.29
CA HIS A 243 -5.34 0.18 -18.81
C HIS A 243 -4.53 1.48 -18.84
N ASN A 244 -5.07 2.53 -19.45
CA ASN A 244 -4.27 3.74 -19.65
C ASN A 244 -4.67 4.92 -18.76
N ASP A 245 -5.72 4.74 -17.97
CA ASP A 245 -6.17 5.81 -17.09
C ASP A 245 -5.38 5.84 -15.79
N PRO A 246 -4.82 7.00 -15.43
CA PRO A 246 -3.97 7.12 -14.25
C PRO A 246 -4.64 6.70 -12.94
N GLU A 247 -5.92 7.03 -12.76
CA GLU A 247 -6.62 6.62 -11.54
C GLU A 247 -6.87 5.11 -11.49
N VAL A 248 -7.23 4.52 -12.62
CA VAL A 248 -7.40 3.06 -12.70
C VAL A 248 -6.06 2.36 -12.43
N LEU A 249 -4.99 2.87 -13.03
CA LEU A 249 -3.66 2.31 -12.79
C LEU A 249 -3.26 2.43 -11.32
N ALA A 250 -3.51 3.59 -10.71
CA ALA A 250 -3.16 3.78 -9.31
C ALA A 250 -3.87 2.78 -8.40
N ASP A 251 -5.18 2.65 -8.58
CA ASP A 251 -5.97 1.75 -7.74
C ASP A 251 -5.69 0.27 -8.01
N SER A 252 -5.35 -0.06 -9.25
CA SER A 252 -4.93 -1.42 -9.60
C SER A 252 -3.61 -1.74 -8.91
N CYS A 253 -2.69 -0.78 -8.89
CA CYS A 253 -1.45 -0.92 -8.13
C CYS A 253 -1.72 -1.04 -6.64
N TRP A 254 -2.66 -0.26 -6.10
CA TRP A 254 -3.02 -0.42 -4.70
C TRP A 254 -3.48 -1.86 -4.44
N ALA A 255 -4.41 -2.36 -5.25
CA ALA A 255 -4.91 -3.72 -5.06
C ALA A 255 -3.75 -4.72 -5.05
N ILE A 256 -2.81 -4.55 -5.98
CA ILE A 256 -1.68 -5.47 -6.05
C ILE A 256 -0.78 -5.33 -4.83
N SER A 257 -0.62 -4.11 -4.34
CA SER A 257 0.16 -3.90 -3.12
C SER A 257 -0.48 -4.59 -1.91
N TYR A 258 -1.81 -4.64 -1.85
CA TYR A 258 -2.48 -5.34 -0.76
C TYR A 258 -2.25 -6.85 -0.90
N LEU A 259 -2.39 -7.35 -2.12
CA LEU A 259 -2.33 -8.80 -2.34
C LEU A 259 -0.94 -9.34 -2.07
N THR A 260 0.07 -8.50 -2.26
CA THR A 260 1.47 -8.91 -2.05
C THR A 260 1.95 -8.63 -0.62
N ASP A 261 1.09 -8.01 0.18
CA ASP A 261 1.41 -7.70 1.57
C ASP A 261 1.04 -8.89 2.42
N GLY A 262 1.88 -9.92 2.41
CA GLY A 262 1.58 -11.16 3.13
C GLY A 262 2.65 -12.21 2.94
N PRO A 263 2.35 -13.46 3.30
CA PRO A 263 3.30 -14.58 3.20
C PRO A 263 3.70 -14.85 1.75
N ASN A 264 4.75 -15.64 1.56
CA ASN A 264 5.26 -15.93 0.23
C ASN A 264 4.21 -16.53 -0.71
N GLU A 265 3.29 -17.31 -0.14
CA GLU A 265 2.24 -17.94 -0.92
C GLU A 265 1.30 -16.90 -1.56
N ARG A 266 1.02 -15.82 -0.84
CA ARG A 266 0.18 -14.77 -1.38
C ARG A 266 0.94 -14.02 -2.48
N ILE A 267 2.21 -13.74 -2.23
CA ILE A 267 3.05 -13.11 -3.22
C ILE A 267 3.10 -13.96 -4.50
N GLU A 268 3.21 -15.27 -4.34
CA GLU A 268 3.33 -16.17 -5.48
C GLU A 268 2.11 -16.08 -6.40
N MET A 269 0.93 -16.04 -5.80
CA MET A 269 -0.31 -15.92 -6.56
C MET A 269 -0.26 -14.75 -7.53
N VAL A 270 0.34 -13.65 -7.08
CA VAL A 270 0.42 -12.46 -7.91
C VAL A 270 1.53 -12.57 -8.95
N VAL A 271 2.71 -12.96 -8.49
CA VAL A 271 3.87 -13.08 -9.36
C VAL A 271 3.62 -14.08 -10.51
N LYS A 272 2.89 -15.15 -10.22
CA LYS A 272 2.61 -16.17 -11.23
C LYS A 272 1.76 -15.62 -12.37
N LYS A 273 1.01 -14.55 -12.10
CA LYS A 273 0.18 -13.91 -13.11
C LYS A 273 0.99 -13.05 -14.10
N GLY A 274 2.29 -12.92 -13.84
CA GLY A 274 3.19 -12.22 -14.76
C GLY A 274 3.08 -10.71 -14.78
N VAL A 275 2.62 -10.12 -13.69
CA VAL A 275 2.41 -8.67 -13.63
C VAL A 275 3.66 -7.85 -13.30
N VAL A 276 4.73 -8.53 -12.88
CA VAL A 276 5.92 -7.82 -12.44
C VAL A 276 6.49 -6.83 -13.47
N PRO A 277 6.61 -7.25 -14.74
CA PRO A 277 7.09 -6.29 -15.75
C PRO A 277 6.22 -5.03 -15.84
N GLN A 278 4.90 -5.20 -15.75
CA GLN A 278 4.01 -4.05 -15.79
C GLN A 278 4.21 -3.18 -14.56
N LEU A 279 4.38 -3.80 -13.39
CA LEU A 279 4.63 -3.01 -12.18
C LEU A 279 5.91 -2.19 -12.32
N VAL A 280 6.95 -2.80 -12.88
CA VAL A 280 8.22 -2.11 -13.09
C VAL A 280 8.07 -0.94 -14.06
N LYS A 281 7.28 -1.13 -15.10
CA LYS A 281 6.95 -0.04 -16.00
C LYS A 281 6.26 1.11 -15.27
N LEU A 282 5.29 0.78 -14.41
CA LEU A 282 4.56 1.80 -13.67
C LEU A 282 5.43 2.47 -12.62
N LEU A 283 6.46 1.75 -12.18
CA LEU A 283 7.45 2.30 -11.27
C LEU A 283 8.09 3.54 -11.89
N GLY A 284 8.13 3.57 -13.22
CA GLY A 284 8.70 4.71 -13.93
C GLY A 284 7.71 5.78 -14.34
N ALA A 285 6.47 5.68 -13.88
CA ALA A 285 5.45 6.66 -14.26
C ALA A 285 5.75 8.04 -13.68
N THR A 286 5.17 9.09 -14.29
CA THR A 286 5.42 10.43 -13.80
C THR A 286 4.42 10.79 -12.70
N GLU A 287 3.29 10.09 -12.67
CA GLU A 287 2.26 10.32 -11.68
C GLU A 287 2.62 9.68 -10.33
N LEU A 288 2.87 10.53 -9.35
CA LEU A 288 3.15 10.08 -8.00
C LEU A 288 2.09 9.11 -7.43
N PRO A 289 0.80 9.37 -7.72
CA PRO A 289 -0.23 8.45 -7.20
C PRO A 289 -0.11 7.03 -7.78
N ILE A 290 0.64 6.89 -8.86
CA ILE A 290 0.88 5.57 -9.44
C ILE A 290 2.18 4.98 -8.90
N VAL A 291 3.23 5.79 -8.90
CA VAL A 291 4.53 5.31 -8.44
C VAL A 291 4.47 4.83 -6.99
N THR A 292 3.74 5.56 -6.14
CA THR A 292 3.66 5.20 -4.72
C THR A 292 3.20 3.75 -4.50
N PRO A 293 2.02 3.37 -5.02
CA PRO A 293 1.58 1.98 -4.83
C PRO A 293 2.37 0.97 -5.67
N ALA A 294 2.85 1.38 -6.84
CA ALA A 294 3.70 0.49 -7.65
C ALA A 294 4.95 0.10 -6.88
N LEU A 295 5.55 1.08 -6.22
CA LEU A 295 6.76 0.84 -5.43
C LEU A 295 6.49 0.00 -4.18
N ARG A 296 5.35 0.22 -3.54
CA ARG A 296 5.02 -0.59 -2.36
C ARG A 296 4.83 -2.04 -2.79
N ALA A 297 4.16 -2.25 -3.91
CA ALA A 297 3.95 -3.60 -4.44
C ALA A 297 5.27 -4.28 -4.72
N ILE A 298 6.14 -3.60 -5.45
CA ILE A 298 7.46 -4.14 -5.78
C ILE A 298 8.25 -4.46 -4.51
N GLY A 299 8.21 -3.55 -3.55
CA GLY A 299 8.86 -3.76 -2.27
C GLY A 299 8.30 -4.96 -1.53
N ASN A 300 6.99 -5.11 -1.57
CA ASN A 300 6.38 -6.28 -0.95
C ASN A 300 6.85 -7.58 -1.59
N ILE A 301 6.94 -7.57 -2.91
CA ILE A 301 7.35 -8.77 -3.64
C ILE A 301 8.75 -9.22 -3.23
N VAL A 302 9.66 -8.26 -3.02
CA VAL A 302 11.03 -8.62 -2.66
C VAL A 302 11.21 -8.96 -1.18
N THR A 303 10.11 -8.96 -0.42
CA THR A 303 10.15 -9.52 0.93
C THR A 303 9.92 -11.03 0.86
N GLY A 304 9.66 -11.54 -0.34
CA GLY A 304 9.38 -12.96 -0.52
C GLY A 304 10.64 -13.80 -0.70
N THR A 305 10.54 -14.86 -1.49
CA THR A 305 11.66 -15.77 -1.70
C THR A 305 12.72 -15.13 -2.60
N ASP A 306 13.90 -15.76 -2.67
CA ASP A 306 14.95 -15.31 -3.57
C ASP A 306 14.48 -15.35 -5.01
N GLU A 307 13.72 -16.39 -5.36
CA GLU A 307 13.18 -16.54 -6.71
C GLU A 307 12.17 -15.44 -7.07
N GLN A 308 11.30 -15.11 -6.13
CA GLN A 308 10.32 -14.04 -6.36
C GLN A 308 11.06 -12.71 -6.51
N THR A 309 12.10 -12.52 -5.72
CA THR A 309 12.93 -11.33 -5.82
C THR A 309 13.62 -11.26 -7.18
N GLN A 310 14.07 -12.41 -7.69
CA GLN A 310 14.75 -12.45 -8.98
C GLN A 310 13.87 -11.97 -10.13
N LYS A 311 12.56 -12.19 -10.04
CA LYS A 311 11.68 -11.75 -11.09
C LYS A 311 11.63 -10.24 -11.19
N VAL A 312 11.70 -9.58 -10.04
CA VAL A 312 11.77 -8.12 -10.00
C VAL A 312 13.04 -7.62 -10.68
N ILE A 313 14.17 -8.24 -10.37
CA ILE A 313 15.45 -7.89 -11.00
C ILE A 313 15.42 -8.19 -12.49
N ASP A 314 14.93 -9.36 -12.86
CA ASP A 314 14.87 -9.78 -14.26
C ASP A 314 14.05 -8.79 -15.09
N ALA A 315 13.07 -8.15 -14.47
CA ALA A 315 12.16 -7.26 -15.17
C ALA A 315 12.73 -5.86 -15.33
N GLY A 316 13.93 -5.63 -14.81
CA GLY A 316 14.64 -4.38 -15.01
C GLY A 316 14.41 -3.34 -13.94
N ALA A 317 13.89 -3.76 -12.79
CA ALA A 317 13.54 -2.82 -11.72
C ALA A 317 14.72 -1.99 -11.24
N LEU A 318 15.91 -2.58 -11.21
CA LEU A 318 17.07 -1.90 -10.64
C LEU A 318 17.44 -0.63 -11.42
N ALA A 319 17.14 -0.60 -12.71
CA ALA A 319 17.50 0.56 -13.53
C ALA A 319 16.72 1.82 -13.14
N VAL A 320 15.62 1.64 -12.42
CA VAL A 320 14.79 2.79 -12.03
C VAL A 320 15.30 3.39 -10.73
N PHE A 321 16.15 2.64 -10.02
CA PHE A 321 16.54 3.05 -8.68
C PHE A 321 17.45 4.27 -8.55
N PRO A 322 18.27 4.57 -9.58
CA PRO A 322 19.00 5.83 -9.43
C PRO A 322 18.04 7.01 -9.21
N SER A 323 16.91 7.02 -9.91
CA SER A 323 15.95 8.09 -9.76
CA SER A 323 15.95 8.09 -9.76
CA SER A 323 15.94 8.08 -9.77
C SER A 323 15.15 7.96 -8.46
N LEU A 324 14.76 6.74 -8.12
CA LEU A 324 13.96 6.54 -6.91
C LEU A 324 14.74 6.90 -5.65
N LEU A 325 16.02 6.56 -5.63
CA LEU A 325 16.86 6.78 -4.45
C LEU A 325 17.32 8.24 -4.32
N THR A 326 17.00 9.05 -5.32
CA THR A 326 17.22 10.50 -5.23
C THR A 326 15.92 11.29 -5.39
N ASN A 327 14.79 10.60 -5.30
CA ASN A 327 13.50 11.22 -5.53
C ASN A 327 13.22 12.33 -4.52
N PRO A 328 12.72 13.47 -5.01
CA PRO A 328 12.45 14.60 -4.12
C PRO A 328 11.31 14.34 -3.13
N LYS A 329 10.49 13.32 -3.37
CA LYS A 329 9.46 12.95 -2.39
C LYS A 329 10.05 12.01 -1.35
N THR A 330 10.14 12.49 -0.12
CA THR A 330 10.77 11.74 0.97
C THR A 330 10.28 10.30 1.08
N ASN A 331 8.96 10.10 1.06
CA ASN A 331 8.44 8.73 1.18
C ASN A 331 8.88 7.78 0.06
N ILE A 332 9.03 8.31 -1.16
CA ILE A 332 9.51 7.49 -2.27
C ILE A 332 10.95 7.04 -2.04
N GLN A 333 11.78 7.98 -1.61
CA GLN A 333 13.17 7.67 -1.29
C GLN A 333 13.26 6.62 -0.19
N LYS A 334 12.42 6.77 0.84
CA LYS A 334 12.42 5.84 1.96
C LYS A 334 11.98 4.42 1.55
N GLU A 335 10.88 4.33 0.79
CA GLU A 335 10.36 3.03 0.35
C GLU A 335 11.30 2.35 -0.63
N ALA A 336 11.98 3.14 -1.45
CA ALA A 336 12.93 2.61 -2.41
C ALA A 336 14.16 2.05 -1.70
N THR A 337 14.57 2.73 -0.64
CA THR A 337 15.73 2.28 0.13
C THR A 337 15.37 1.01 0.92
N TRP A 338 14.17 0.98 1.47
CA TRP A 338 13.63 -0.21 2.12
C TRP A 338 13.68 -1.37 1.15
N THR A 339 13.14 -1.14 -0.04
CA THR A 339 13.17 -2.14 -1.10
C THR A 339 14.59 -2.61 -1.39
N MET A 340 15.53 -1.66 -1.48
CA MET A 340 16.92 -2.04 -1.72
C MET A 340 17.45 -2.92 -0.59
N SER A 341 17.06 -2.61 0.64
CA SER A 341 17.56 -3.36 1.79
C SER A 341 17.12 -4.82 1.72
N ASN A 342 15.96 -5.07 1.14
CA ASN A 342 15.49 -6.44 0.99
C ASN A 342 16.13 -7.17 -0.18
N ILE A 343 16.54 -6.42 -1.19
CA ILE A 343 17.27 -7.00 -2.31
C ILE A 343 18.69 -7.37 -1.90
N THR A 344 19.33 -6.53 -1.07
CA THR A 344 20.68 -6.85 -0.61
C THR A 344 20.64 -7.95 0.45
N ALA A 345 19.44 -8.32 0.89
CA ALA A 345 19.30 -9.47 1.77
C ALA A 345 19.22 -10.75 0.95
N GLY A 346 19.41 -10.63 -0.35
CA GLY A 346 19.30 -11.76 -1.25
C GLY A 346 20.61 -12.49 -1.50
N ARG A 347 20.64 -13.24 -2.60
CA ARG A 347 21.79 -14.07 -2.96
C ARG A 347 22.94 -13.20 -3.47
N GLN A 348 24.13 -13.78 -3.51
CA GLN A 348 25.31 -13.07 -3.97
C GLN A 348 25.20 -12.58 -5.41
N ASP A 349 24.53 -13.34 -6.27
CA ASP A 349 24.31 -12.90 -7.64
C ASP A 349 23.34 -11.73 -7.71
N GLN A 350 22.46 -11.62 -6.73
CA GLN A 350 21.53 -10.48 -6.68
C GLN A 350 22.22 -9.23 -6.15
N ILE A 351 23.05 -9.40 -5.12
CA ILE A 351 23.90 -8.31 -4.65
C ILE A 351 24.79 -7.81 -5.79
N GLN A 352 25.28 -8.72 -6.62
CA GLN A 352 26.13 -8.34 -7.74
C GLN A 352 25.37 -7.47 -8.76
N GLN A 353 24.07 -7.74 -8.92
CA GLN A 353 23.25 -6.93 -9.81
C GLN A 353 23.11 -5.52 -9.27
N VAL A 354 22.95 -5.42 -7.95
CA VAL A 354 22.94 -4.10 -7.32
C VAL A 354 24.24 -3.38 -7.64
N VAL A 355 25.36 -4.08 -7.49
CA VAL A 355 26.66 -3.50 -7.86
C VAL A 355 26.68 -3.06 -9.32
N ASN A 356 26.30 -3.97 -10.23
CA ASN A 356 26.40 -3.72 -11.67
C ASN A 356 25.57 -2.52 -12.12
N HIS A 357 24.41 -2.34 -11.49
CA HIS A 357 23.54 -1.22 -11.83
C HIS A 357 24.03 0.09 -11.25
N GLY A 358 25.17 0.06 -10.56
CA GLY A 358 25.79 1.23 -9.99
C GLY A 358 25.06 1.79 -8.78
N LEU A 359 24.38 0.91 -8.04
CA LEU A 359 23.50 1.38 -6.97
C LEU A 359 24.21 1.55 -5.63
N VAL A 360 25.44 1.06 -5.51
CA VAL A 360 26.14 1.24 -4.25
C VAL A 360 26.47 2.73 -3.99
N PRO A 361 26.93 3.45 -5.02
CA PRO A 361 27.11 4.89 -4.80
C PRO A 361 25.82 5.60 -4.37
N PHE A 362 24.68 5.14 -4.87
CA PHE A 362 23.42 5.76 -4.46
C PHE A 362 23.09 5.44 -3.01
N LEU A 363 23.42 4.22 -2.56
CA LEU A 363 23.26 3.90 -1.14
C LEU A 363 24.17 4.74 -0.26
N VAL A 364 25.42 4.94 -0.70
CA VAL A 364 26.34 5.82 0.01
C VAL A 364 25.73 7.22 0.11
N GLY A 365 25.16 7.68 -1.00
CA GLY A 365 24.47 8.96 -1.04
C GLY A 365 23.37 9.10 -0.01
N VAL A 366 22.45 8.13 0.02
CA VAL A 366 21.33 8.17 0.96
C VAL A 366 21.81 8.09 2.41
N LEU A 367 22.83 7.27 2.65
CA LEU A 367 23.39 7.16 3.99
C LEU A 367 24.02 8.50 4.42
N SER A 368 24.59 9.21 3.45
CA SER A 368 25.28 10.48 3.71
C SER A 368 24.30 11.61 4.01
N LYS A 369 23.20 11.64 3.25
CA LYS A 369 22.23 12.72 3.40
C LYS A 369 20.85 12.25 2.99
N ALA A 370 19.92 12.26 3.94
CA ALA A 370 18.55 11.84 3.70
C ALA A 370 17.78 12.06 4.99
N ASP A 371 16.46 12.06 4.90
CA ASP A 371 15.63 12.05 6.10
C ASP A 371 16.11 10.89 6.97
N PHE A 372 16.03 11.04 8.29
CA PHE A 372 16.60 10.02 9.17
C PHE A 372 16.01 8.62 8.98
N LYS A 373 14.70 8.52 8.82
CA LYS A 373 14.07 7.21 8.61
C LYS A 373 14.59 6.54 7.32
N THR A 374 14.95 7.36 6.34
CA THR A 374 15.52 6.85 5.10
C THR A 374 16.95 6.36 5.35
N GLN A 375 17.70 7.12 6.14
CA GLN A 375 19.06 6.74 6.50
C GLN A 375 19.06 5.40 7.24
N LYS A 376 18.01 5.18 8.02
CA LYS A 376 17.87 3.94 8.78
C LYS A 376 17.70 2.76 7.83
N GLU A 377 16.88 2.93 6.79
CA GLU A 377 16.69 1.89 5.78
C GLU A 377 18.00 1.65 5.04
N ALA A 378 18.76 2.71 4.78
CA ALA A 378 20.05 2.56 4.13
C ALA A 378 20.99 1.73 4.97
N ALA A 379 21.01 2.01 6.28
CA ALA A 379 21.84 1.26 7.20
C ALA A 379 21.52 -0.23 7.11
N TRP A 380 20.24 -0.56 7.09
CA TRP A 380 19.80 -1.94 6.92
C TRP A 380 20.27 -2.53 5.60
N ALA A 381 20.17 -1.74 4.52
CA ALA A 381 20.63 -2.19 3.22
C ALA A 381 22.12 -2.58 3.28
N ILE A 382 22.90 -1.77 3.98
CA ILE A 382 24.35 -2.03 4.10
C ILE A 382 24.65 -3.26 4.95
N THR A 383 23.98 -3.39 6.09
CA THR A 383 24.20 -4.55 6.95
C THR A 383 23.81 -5.85 6.25
N ASN A 384 22.70 -5.83 5.50
CA ASN A 384 22.28 -7.01 4.75
C ASN A 384 23.29 -7.36 3.66
N TYR A 385 23.76 -6.33 2.95
CA TYR A 385 24.79 -6.47 1.93
C TYR A 385 26.04 -7.13 2.53
N THR A 386 26.51 -6.61 3.65
CA THR A 386 27.72 -7.14 4.28
C THR A 386 27.52 -8.56 4.84
N SER A 387 26.27 -8.91 5.15
CA SER A 387 25.94 -10.25 5.67
C SER A 387 26.08 -11.30 4.59
N GLY A 388 25.52 -11.03 3.42
CA GLY A 388 25.46 -12.02 2.36
C GLY A 388 26.52 -11.89 1.28
N GLY A 389 27.27 -10.79 1.30
CA GLY A 389 28.20 -10.50 0.22
C GLY A 389 29.49 -11.28 0.25
N THR A 390 30.14 -11.38 -0.91
CA THR A 390 31.48 -11.95 -1.01
C THR A 390 32.48 -10.93 -0.49
N VAL A 391 33.70 -11.37 -0.24
CA VAL A 391 34.76 -10.44 0.18
C VAL A 391 34.93 -9.31 -0.81
N GLU A 392 34.95 -9.63 -2.11
CA GLU A 392 35.16 -8.62 -3.15
C GLU A 392 34.02 -7.60 -3.17
N GLN A 393 32.80 -8.07 -2.95
CA GLN A 393 31.66 -7.17 -2.94
C GLN A 393 31.73 -6.23 -1.73
N ILE A 394 32.17 -6.77 -0.60
CA ILE A 394 32.26 -5.96 0.62
C ILE A 394 33.37 -4.91 0.49
N VAL A 395 34.52 -5.32 -0.04
CA VAL A 395 35.63 -4.43 -0.31
C VAL A 395 35.18 -3.26 -1.20
N TYR A 396 34.42 -3.59 -2.24
CA TYR A 396 33.90 -2.59 -3.16
C TYR A 396 33.09 -1.54 -2.41
N LEU A 397 32.32 -2.00 -1.45
CA LEU A 397 31.51 -1.12 -0.60
C LEU A 397 32.39 -0.07 0.05
N VAL A 398 33.51 -0.51 0.62
CA VAL A 398 34.42 0.41 1.28
C VAL A 398 35.03 1.40 0.28
N HIS A 399 35.42 0.88 -0.89
CA HIS A 399 35.97 1.73 -1.94
C HIS A 399 34.99 2.81 -2.40
N CYS A 400 33.70 2.55 -2.29
CA CYS A 400 32.69 3.53 -2.69
C CYS A 400 32.48 4.62 -1.65
N GLY A 401 33.08 4.44 -0.47
CA GLY A 401 33.03 5.48 0.55
C GLY A 401 32.01 5.26 1.65
N ILE A 402 31.70 4.01 1.96
CA ILE A 402 30.62 3.73 2.91
C ILE A 402 31.01 4.06 4.36
N ILE A 403 32.30 4.02 4.65
CA ILE A 403 32.76 4.10 6.04
C ILE A 403 32.43 5.40 6.75
N GLU A 404 32.78 6.54 6.15
CA GLU A 404 32.55 7.83 6.81
C GLU A 404 31.06 8.08 7.14
N PRO A 405 30.16 7.96 6.15
CA PRO A 405 28.75 8.22 6.46
C PRO A 405 28.19 7.19 7.44
N LEU A 406 28.73 5.98 7.43
CA LEU A 406 28.32 4.94 8.38
C LEU A 406 28.74 5.36 9.79
N MET A 407 29.97 5.86 9.90
CA MET A 407 30.48 6.34 11.18
C MET A 407 29.69 7.53 11.70
N ASN A 408 29.36 8.46 10.80
CA ASN A 408 28.64 9.66 11.19
C ASN A 408 27.29 9.37 11.82
N LEU A 409 26.67 8.27 11.39
CA LEU A 409 25.36 7.89 11.90
C LEU A 409 25.40 7.25 13.30
N LEU A 410 26.59 6.98 13.80
CA LEU A 410 26.72 6.39 15.14
C LEU A 410 26.38 7.39 16.22
N SER A 411 26.19 8.65 15.84
CA SER A 411 25.80 9.69 16.79
C SER A 411 24.28 9.72 16.95
N ALA A 412 23.59 8.89 16.17
CA ALA A 412 22.14 8.81 16.24
C ALA A 412 21.68 8.29 17.59
N LYS A 413 20.54 8.81 18.08
CA LYS A 413 20.00 8.40 19.36
C LYS A 413 19.32 7.04 19.25
N ASP A 414 18.86 6.72 18.04
CA ASP A 414 18.15 5.47 17.78
C ASP A 414 19.03 4.27 18.11
N THR A 415 18.61 3.47 19.09
CA THR A 415 19.38 2.32 19.53
C THR A 415 19.51 1.24 18.45
N LYS A 416 18.45 1.06 17.67
CA LYS A 416 18.46 -0.01 16.67
C LYS A 416 19.42 0.26 15.50
N ILE A 417 19.46 1.49 15.02
CA ILE A 417 20.36 1.80 13.90
C ILE A 417 21.82 1.65 14.34
N ILE A 418 22.09 1.90 15.61
CA ILE A 418 23.43 1.73 16.15
C ILE A 418 23.83 0.25 16.12
N GLN A 419 22.91 -0.62 16.53
CA GLN A 419 23.14 -2.06 16.47
C GLN A 419 23.39 -2.49 15.02
N VAL A 420 22.54 -1.99 14.12
CA VAL A 420 22.64 -2.32 12.70
C VAL A 420 24.00 -1.92 12.12
N ILE A 421 24.44 -0.70 12.43
CA ILE A 421 25.72 -0.20 11.93
C ILE A 421 26.90 -0.98 12.51
N LEU A 422 26.86 -1.26 13.81
CA LEU A 422 27.93 -2.01 14.45
C LEU A 422 28.06 -3.42 13.85
N ASP A 423 26.92 -4.01 13.50
CA ASP A 423 26.90 -5.30 12.82
C ASP A 423 27.59 -5.21 11.47
N ALA A 424 27.32 -4.13 10.74
CA ALA A 424 27.93 -3.92 9.44
C ALA A 424 29.44 -3.80 9.57
N ILE A 425 29.88 -2.98 10.53
CA ILE A 425 31.30 -2.76 10.77
C ILE A 425 32.00 -4.07 11.13
N SER A 426 31.32 -4.89 11.91
CA SER A 426 31.85 -6.20 12.26
C SER A 426 32.02 -7.05 11.02
N ASN A 427 30.99 -7.06 10.17
CA ASN A 427 31.04 -7.81 8.91
C ASN A 427 32.16 -7.35 7.99
N ILE A 428 32.32 -6.04 7.87
CA ILE A 428 33.36 -5.46 7.03
C ILE A 428 34.75 -5.82 7.56
N PHE A 429 34.93 -5.77 8.87
CA PHE A 429 36.20 -6.16 9.47
C PHE A 429 36.50 -7.62 9.14
N GLN A 430 35.48 -8.47 9.21
CA GLN A 430 35.66 -9.89 8.90
C GLN A 430 36.24 -10.09 7.51
N ALA A 431 35.69 -9.39 6.53
CA ALA A 431 36.20 -9.45 5.17
C ALA A 431 37.66 -9.00 5.14
N ALA A 432 37.95 -7.94 5.89
CA ALA A 432 39.30 -7.39 5.96
C ALA A 432 40.26 -8.41 6.57
N GLU A 433 39.80 -9.12 7.59
CA GLU A 433 40.62 -10.16 8.23
C GLU A 433 41.08 -11.19 7.22
N LYS A 434 40.23 -11.51 6.26
CA LYS A 434 40.52 -12.54 5.27
C LYS A 434 41.45 -12.01 4.17
N LEU A 435 41.78 -10.72 4.26
CA LEU A 435 42.73 -10.10 3.34
C LEU A 435 43.94 -9.55 4.09
N GLY A 436 43.96 -9.75 5.41
CA GLY A 436 45.02 -9.22 6.26
C GLY A 436 45.06 -7.69 6.24
N GLU A 437 43.89 -7.08 6.08
CA GLU A 437 43.80 -5.64 5.88
C GLU A 437 43.07 -4.91 7.01
N THR A 438 42.95 -5.54 8.16
CA THR A 438 42.21 -4.92 9.26
C THR A 438 42.82 -3.58 9.70
N GLU A 439 44.15 -3.50 9.71
CA GLU A 439 44.85 -2.27 10.08
C GLU A 439 44.40 -1.06 9.28
N LYS A 440 44.41 -1.17 7.96
CA LYS A 440 44.04 -0.05 7.11
C LYS A 440 42.59 0.38 7.31
N LEU A 441 41.72 -0.58 7.63
CA LEU A 441 40.34 -0.25 7.96
C LEU A 441 40.25 0.45 9.32
N SER A 442 40.98 -0.08 10.31
CA SER A 442 41.02 0.52 11.64
C SER A 442 41.40 2.00 11.54
N ILE A 443 42.40 2.28 10.73
CA ILE A 443 42.87 3.64 10.51
C ILE A 443 41.82 4.51 9.83
N MET A 444 41.16 3.97 8.81
CA MET A 444 40.09 4.69 8.13
C MET A 444 39.03 5.13 9.14
N ILE A 445 38.62 4.21 9.99
CA ILE A 445 37.57 4.48 10.96
C ILE A 445 38.02 5.52 11.97
N GLU A 446 39.31 5.46 12.31
CA GLU A 446 39.88 6.39 13.28
C GLU A 446 40.03 7.79 12.68
N GLU A 447 40.33 7.85 11.39
CA GLU A 447 40.56 9.13 10.71
C GLU A 447 39.30 9.98 10.58
N CYS A 448 38.14 9.33 10.52
CA CYS A 448 36.89 10.06 10.34
C CYS A 448 36.13 10.25 11.65
N GLY A 449 36.78 9.89 12.76
CA GLY A 449 36.19 10.07 14.07
C GLY A 449 35.31 8.90 14.50
N GLY A 450 35.43 7.80 13.77
CA GLY A 450 34.64 6.61 14.05
C GLY A 450 35.05 5.91 15.34
N LEU A 451 36.35 5.80 15.56
CA LEU A 451 36.86 5.14 16.76
C LEU A 451 36.38 5.85 18.02
N ASP A 452 36.29 7.17 17.95
CA ASP A 452 35.80 7.95 19.08
C ASP A 452 34.38 7.54 19.43
N LYS A 453 33.55 7.38 18.41
CA LYS A 453 32.15 7.02 18.61
C LYS A 453 31.99 5.60 19.15
N ILE A 454 32.75 4.66 18.59
CA ILE A 454 32.70 3.28 19.06
C ILE A 454 33.18 3.17 20.50
N GLU A 455 34.23 3.90 20.83
CA GLU A 455 34.78 3.91 22.18
C GLU A 455 33.72 4.38 23.18
N ALA A 456 33.01 5.44 22.83
CA ALA A 456 31.96 5.99 23.69
C ALA A 456 30.82 5.00 23.88
N LEU A 457 30.52 4.22 22.84
CA LEU A 457 29.41 3.27 22.87
C LEU A 457 29.60 2.17 23.91
N GLN A 458 30.82 2.04 24.42
CA GLN A 458 31.09 1.12 25.51
C GLN A 458 30.34 1.60 26.74
N ARG A 459 30.07 2.90 26.79
CA ARG A 459 29.32 3.51 27.88
C ARG A 459 27.82 3.53 27.61
N HIS A 460 27.43 3.01 26.45
CA HIS A 460 26.01 2.98 26.09
C HIS A 460 25.26 2.06 27.03
N GLU A 461 24.07 2.47 27.44
CA GLU A 461 23.29 1.72 28.44
C GLU A 461 22.70 0.42 27.88
N ASN A 462 22.42 0.40 26.58
CA ASN A 462 21.93 -0.81 25.94
C ASN A 462 22.99 -1.89 25.91
N GLU A 463 22.62 -3.10 26.33
CA GLU A 463 23.57 -4.20 26.49
C GLU A 463 24.29 -4.59 25.20
N SER A 464 23.52 -4.99 24.19
CA SER A 464 24.09 -5.47 22.93
C SER A 464 24.97 -4.43 22.22
N VAL A 465 24.68 -3.16 22.46
CA VAL A 465 25.48 -2.08 21.89
C VAL A 465 26.85 -1.97 22.56
N TYR A 466 26.85 -1.86 23.88
CA TYR A 466 28.11 -1.71 24.61
C TYR A 466 28.91 -3.02 24.61
N LYS A 467 28.26 -4.11 24.20
CA LYS A 467 28.95 -5.37 23.97
C LYS A 467 29.67 -5.34 22.62
N ALA A 468 28.89 -5.12 21.57
CA ALA A 468 29.40 -5.11 20.20
C ALA A 468 30.55 -4.13 20.03
N SER A 469 30.42 -2.95 20.63
CA SER A 469 31.45 -1.93 20.54
C SER A 469 32.74 -2.38 21.26
N LEU A 470 32.59 -2.88 22.48
CA LEU A 470 33.73 -3.40 23.23
C LEU A 470 34.49 -4.44 22.42
N ASN A 471 33.75 -5.34 21.79
CA ASN A 471 34.32 -6.40 20.95
C ASN A 471 35.16 -5.84 19.80
N LEU A 472 34.66 -4.80 19.14
CA LEU A 472 35.40 -4.17 18.05
C LEU A 472 36.67 -3.51 18.56
N ILE A 473 36.54 -2.69 19.61
CA ILE A 473 37.68 -2.02 20.22
C ILE A 473 38.80 -3.00 20.57
N GLU A 474 38.49 -3.98 21.40
CA GLU A 474 39.49 -4.90 21.94
C GLU A 474 40.04 -5.86 20.90
N LYS A 475 39.46 -5.85 19.70
CA LYS A 475 39.84 -6.83 18.68
C LYS A 475 40.52 -6.19 17.47
N TYR A 476 40.23 -4.92 17.22
CA TYR A 476 40.79 -4.24 16.05
C TYR A 476 41.45 -2.90 16.39
N PHE A 477 41.24 -2.42 17.61
CA PHE A 477 41.76 -1.12 18.02
C PHE A 477 42.61 -1.21 19.27
N SER A 478 43.61 -2.11 19.25
CA SER A 478 44.50 -2.28 20.38
C SER A 478 45.92 -1.82 20.05
N SER B 2 22.89 -14.58 6.83
CA SER B 2 22.20 -14.19 8.06
C SER B 2 21.33 -12.95 7.88
N ALA B 3 21.19 -12.51 6.63
CA ALA B 3 20.29 -11.40 6.31
C ALA B 3 18.85 -11.87 6.28
N VAL B 4 17.98 -11.14 6.98
CA VAL B 4 16.56 -11.46 6.98
C VAL B 4 15.78 -10.36 6.26
N LYS B 5 14.75 -10.76 5.52
CA LYS B 5 13.88 -9.82 4.82
C LYS B 5 12.99 -9.13 5.85
N ARG B 6 12.68 -7.86 5.60
CA ARG B 6 11.84 -7.10 6.52
C ARG B 6 10.60 -6.53 5.82
N PRO B 7 9.42 -6.84 6.36
CA PRO B 7 8.18 -6.23 5.87
C PRO B 7 8.15 -4.73 6.17
N ALA B 8 7.34 -3.99 5.42
CA ALA B 8 7.24 -2.55 5.60
C ALA B 8 6.93 -2.18 7.03
N ALA B 9 7.51 -1.07 7.50
CA ALA B 9 7.32 -0.63 8.87
C ALA B 9 6.00 0.11 9.04
N THR B 10 5.44 0.57 7.93
CA THR B 10 4.30 1.46 7.97
C THR B 10 3.22 0.99 7.00
N LYS B 11 1.96 1.21 7.39
CA LYS B 11 0.84 0.97 6.52
C LYS B 11 0.84 1.96 5.37
N LYS B 12 0.49 1.49 4.18
CA LYS B 12 0.32 2.38 3.04
C LYS B 12 -0.84 1.88 2.20
N ALA B 13 -1.83 2.74 1.99
CA ALA B 13 -3.04 2.33 1.27
C ALA B 13 -3.73 3.52 0.59
N GLY B 14 -4.62 3.22 -0.35
CA GLY B 14 -5.46 4.23 -0.95
C GLY B 14 -6.58 4.59 0.00
N GLN B 15 -7.57 5.32 -0.50
CA GLN B 15 -8.68 5.77 0.33
C GLN B 15 -9.64 4.61 0.62
N ALA B 16 -9.86 4.32 1.90
CA ALA B 16 -10.71 3.20 2.28
C ALA B 16 -12.20 3.45 1.97
N LYS B 17 -12.64 4.69 2.16
CA LYS B 17 -14.03 5.06 1.94
C LYS B 17 -14.09 6.40 1.22
N LYS B 18 -15.17 6.62 0.47
CA LYS B 18 -15.32 7.84 -0.33
C LYS B 18 -16.74 8.34 -0.24
N LYS B 19 -16.87 9.64 0.00
CA LYS B 19 -18.15 10.31 0.06
C LYS B 19 -18.46 10.90 -1.33
N LYS B 20 -19.67 10.69 -1.84
CA LYS B 20 -20.05 11.24 -3.14
C LYS B 20 -20.60 12.67 -2.97
N LEU B 21 -19.91 13.64 -3.55
CA LEU B 21 -20.25 15.04 -3.35
C LEU B 21 -21.23 15.54 -4.42
N ASP B 22 -21.16 14.95 -5.60
CA ASP B 22 -22.05 15.33 -6.69
C ASP B 22 -21.96 14.32 -7.81
#